data_1KG0
#
_entry.id   1KG0
#
_cell.length_a   170.400
_cell.length_b   170.400
_cell.length_c   101.000
_cell.angle_alpha   90.00
_cell.angle_beta   90.00
_cell.angle_gamma   120.00
#
_symmetry.space_group_name_H-M   'P 63 2 2'
#
loop_
_entity.id
_entity.type
_entity.pdbx_description
1 polymer 'MHC class II Receptor HLA-DR1'
2 polymer 'MHC class II Receptor HLA-DR1'
3 polymer 'Hemagglutinin HA Peptide'
4 polymer 'gp42 Protein'
5 water water
#
loop_
_entity_poly.entity_id
_entity_poly.type
_entity_poly.pdbx_seq_one_letter_code
_entity_poly.pdbx_strand_id
1 'polypeptide(L)'
;EEHVIIQAEFYLNPDQSGEFMFDFDGDEIFHVDMAKKETVWRLEEFGRFASFEAQGALANIAVDKANLEIMTKRSNYTPI
TNVPPEVTVLTNSPVELREPNVLICFIDKFTPPVVNVTWLRNGKPVTTGVSETVFLPREDHLFRKFHYLPFLPSTEDVYD
CRVEHWGLDEPLLKHWEFDA
;
A
2 'polypeptide(L)'
;TRPRFLWQLKFECHFFNGTERVRLLERCIYNQEESVRFDSDVGEYRAVTELGRPDAEYWNSQKDLLEQRRAAVDTYCRHN
YGVGESFTVQRRVEPKVTVYPSKTQPLQHHNLLVCSVSGFYPGSIEVRWFRNGQEEKAGVVSTGLIQNGDWTFQTLVMLE
TVPRSGEVYTCQVEHPSVTSPLTVEWRA
;
B
3 'polypeptide(L)' PKYVKQNTLKLAT D
4 'polypeptide(L)'
;HTFQVPQNYTKANCTYCNTREYTFSYKGCCFYFTKKKHTWNGCFQACAELYPCTYFYGPTPDILPVVTRNLNAIESLWVG
VYRVGEGNWTSLDGGTFKVYQIFGSHCTYVSKFSTVPVSHHECSFLKPCLCVSQRS
;
C
#
# COMPACT_ATOMS: atom_id res chain seq x y z
N GLU A 1 -11.04 4.47 -9.55
CA GLU A 1 -10.50 5.51 -8.63
C GLU A 1 -9.83 6.66 -9.37
N GLU A 2 -8.98 7.38 -8.66
CA GLU A 2 -8.27 8.51 -9.24
C GLU A 2 -6.79 8.47 -8.90
N HIS A 3 -6.47 8.41 -7.61
CA HIS A 3 -5.07 8.37 -7.20
C HIS A 3 -4.77 7.33 -6.13
N VAL A 4 -3.50 7.00 -6.01
CA VAL A 4 -3.04 6.03 -5.02
C VAL A 4 -1.68 6.43 -4.47
N ILE A 5 -1.57 6.45 -3.15
CA ILE A 5 -0.30 6.77 -2.51
C ILE A 5 0.08 5.48 -1.79
N ILE A 6 1.28 4.98 -2.04
CA ILE A 6 1.68 3.74 -1.41
C ILE A 6 2.97 3.82 -0.61
N GLN A 7 2.88 3.48 0.66
CA GLN A 7 4.06 3.45 1.51
C GLN A 7 4.46 2.00 1.39
N ALA A 8 5.63 1.74 0.80
CA ALA A 8 6.06 0.37 0.62
C ALA A 8 7.44 0.15 1.23
N GLU A 9 7.60 -0.98 1.89
CA GLU A 9 8.89 -1.31 2.49
C GLU A 9 9.10 -2.82 2.39
N PHE A 10 10.35 -3.24 2.55
CA PHE A 10 10.65 -4.65 2.51
C PHE A 10 12.00 -4.94 3.11
N TYR A 11 12.22 -6.20 3.42
CA TYR A 11 13.49 -6.64 3.97
C TYR A 11 13.70 -8.00 3.36
N LEU A 12 14.92 -8.24 2.91
CA LEU A 12 15.29 -9.50 2.27
C LEU A 12 16.50 -10.19 2.89
N ASN A 13 16.37 -11.48 3.19
CA ASN A 13 17.46 -12.30 3.75
C ASN A 13 17.91 -13.30 2.67
N PRO A 14 19.19 -13.69 2.69
CA PRO A 14 20.29 -13.30 3.59
C PRO A 14 20.92 -11.94 3.32
N ASP A 15 20.53 -11.32 2.21
CA ASP A 15 21.09 -10.03 1.80
C ASP A 15 21.12 -8.98 2.89
N GLN A 16 20.13 -9.04 3.77
CA GLN A 16 20.03 -8.07 4.84
C GLN A 16 19.83 -6.69 4.27
N SER A 17 19.15 -6.61 3.14
CA SER A 17 18.86 -5.31 2.53
C SER A 17 17.40 -4.94 2.74
N GLY A 18 17.14 -3.65 2.84
CA GLY A 18 15.78 -3.20 3.04
C GLY A 18 15.52 -1.96 2.23
N GLU A 19 14.26 -1.55 2.18
CA GLU A 19 13.86 -0.36 1.45
C GLU A 19 12.63 0.27 2.10
N PHE A 20 12.46 1.56 1.87
CA PHE A 20 11.34 2.32 2.41
C PHE A 20 11.13 3.45 1.43
N MET A 21 9.98 3.48 0.77
CA MET A 21 9.72 4.51 -0.19
C MET A 21 8.24 4.83 -0.25
N PHE A 22 7.90 5.98 -0.83
CA PHE A 22 6.49 6.38 -0.99
C PHE A 22 6.26 6.50 -2.48
N ASP A 23 5.11 6.03 -2.91
CA ASP A 23 4.77 6.00 -4.32
C ASP A 23 3.44 6.69 -4.60
N PHE A 24 3.41 7.44 -5.70
CA PHE A 24 2.20 8.13 -6.12
C PHE A 24 1.88 7.71 -7.55
N ASP A 25 0.75 7.05 -7.73
CA ASP A 25 0.33 6.58 -9.06
C ASP A 25 1.47 5.93 -9.87
N GLY A 26 2.23 5.05 -9.24
CA GLY A 26 3.31 4.39 -9.96
C GLY A 26 4.67 5.05 -9.91
N ASP A 27 4.73 6.34 -9.57
CA ASP A 27 6.01 7.04 -9.50
C ASP A 27 6.49 7.22 -8.07
N GLU A 28 7.80 7.11 -7.89
CA GLU A 28 8.40 7.27 -6.58
C GLU A 28 8.42 8.74 -6.16
N ILE A 29 8.03 9.00 -4.91
CA ILE A 29 8.03 10.37 -4.38
C ILE A 29 9.36 10.59 -3.66
N PHE A 30 9.80 9.57 -2.92
CA PHE A 30 11.07 9.64 -2.21
C PHE A 30 11.34 8.29 -1.57
N HIS A 31 12.56 8.07 -1.13
CA HIS A 31 12.91 6.84 -0.46
C HIS A 31 13.95 7.17 0.60
N VAL A 32 14.17 6.27 1.53
CA VAL A 32 15.14 6.56 2.56
C VAL A 32 16.41 5.75 2.41
N ASP A 33 17.53 6.47 2.30
CA ASP A 33 18.84 5.86 2.19
C ASP A 33 19.15 5.20 3.54
N MET A 34 19.23 3.89 3.57
CA MET A 34 19.52 3.19 4.83
C MET A 34 20.89 3.56 5.41
N ALA A 35 21.90 3.69 4.53
CA ALA A 35 23.25 4.03 4.96
C ALA A 35 23.38 5.48 5.41
N LYS A 36 23.05 6.43 4.54
CA LYS A 36 23.14 7.85 4.89
C LYS A 36 22.07 8.27 5.90
N LYS A 37 21.04 7.46 6.04
CA LYS A 37 19.95 7.76 6.97
C LYS A 37 19.36 9.14 6.69
N GLU A 38 19.08 9.40 5.41
CA GLU A 38 18.48 10.66 4.98
C GLU A 38 17.44 10.33 3.91
N THR A 39 16.40 11.14 3.80
CA THR A 39 15.41 10.86 2.79
C THR A 39 15.88 11.49 1.48
N VAL A 40 15.72 10.76 0.39
CA VAL A 40 16.12 11.20 -0.95
C VAL A 40 14.93 11.30 -1.87
N TRP A 41 14.63 12.51 -2.34
CA TRP A 41 13.49 12.76 -3.23
C TRP A 41 13.80 12.46 -4.69
N ARG A 42 12.84 11.86 -5.39
CA ARG A 42 13.00 11.51 -6.80
C ARG A 42 13.32 12.76 -7.60
N LEU A 43 12.51 13.79 -7.42
CA LEU A 43 12.74 15.07 -8.08
C LEU A 43 13.12 16.01 -6.96
N GLU A 44 14.24 16.71 -7.12
CA GLU A 44 14.71 17.65 -6.09
C GLU A 44 13.66 18.71 -5.78
N GLU A 45 12.75 18.96 -6.73
CA GLU A 45 11.69 19.95 -6.51
C GLU A 45 10.83 19.57 -5.32
N PHE A 46 10.68 18.27 -5.09
CA PHE A 46 9.85 17.76 -4.00
C PHE A 46 10.37 18.17 -2.61
N GLY A 47 11.68 18.17 -2.44
CA GLY A 47 12.26 18.56 -1.16
C GLY A 47 11.96 20.00 -0.81
N ARG A 48 11.57 20.79 -1.81
CA ARG A 48 11.26 22.19 -1.60
C ARG A 48 9.81 22.43 -1.22
N PHE A 49 9.05 21.35 -1.00
CA PHE A 49 7.64 21.52 -0.66
C PHE A 49 7.18 20.57 0.43
N ALA A 50 8.04 19.61 0.77
CA ALA A 50 7.69 18.65 1.79
C ALA A 50 8.95 18.11 2.42
N SER A 51 8.77 17.26 3.42
CA SER A 51 9.89 16.67 4.13
C SER A 51 9.46 15.39 4.81
N PHE A 52 10.44 14.58 5.19
CA PHE A 52 10.13 13.34 5.85
C PHE A 52 11.23 13.03 6.85
N GLU A 53 10.84 12.60 8.05
CA GLU A 53 11.82 12.25 9.07
C GLU A 53 12.33 10.85 8.79
N ALA A 54 13.52 10.80 8.20
CA ALA A 54 14.12 9.52 7.84
C ALA A 54 14.25 8.53 8.98
N GLN A 55 14.41 9.02 10.20
CA GLN A 55 14.57 8.13 11.34
C GLN A 55 13.41 7.15 11.48
N GLY A 56 12.21 7.64 11.15
CA GLY A 56 11.03 6.80 11.24
C GLY A 56 11.12 5.55 10.39
N ALA A 57 11.63 5.70 9.18
CA ALA A 57 11.79 4.58 8.26
C ALA A 57 12.69 3.54 8.88
N LEU A 58 13.81 3.98 9.45
CA LEU A 58 14.75 3.04 10.06
C LEU A 58 14.09 2.21 11.15
N ALA A 59 13.15 2.80 11.88
CA ALA A 59 12.46 2.07 12.95
C ALA A 59 11.63 0.94 12.35
N ASN A 60 10.83 1.26 11.34
CA ASN A 60 10.00 0.28 10.65
C ASN A 60 10.85 -0.89 10.12
N ILE A 61 11.97 -0.57 9.47
CA ILE A 61 12.86 -1.59 8.91
C ILE A 61 13.37 -2.57 9.95
N ALA A 62 13.67 -2.06 11.14
CA ALA A 62 14.15 -2.90 12.23
C ALA A 62 13.06 -3.92 12.56
N VAL A 63 11.84 -3.40 12.69
CA VAL A 63 10.67 -4.22 12.99
C VAL A 63 10.40 -5.21 11.84
N ASP A 64 10.66 -4.79 10.60
CA ASP A 64 10.45 -5.68 9.45
C ASP A 64 11.45 -6.81 9.43
N LYS A 65 12.71 -6.50 9.76
CA LYS A 65 13.75 -7.52 9.80
C LYS A 65 13.30 -8.58 10.80
N ALA A 66 12.96 -8.13 12.00
CA ALA A 66 12.51 -9.06 13.06
C ALA A 66 11.32 -9.89 12.62
N ASN A 67 10.36 -9.26 11.92
CA ASN A 67 9.19 -9.95 11.45
C ASN A 67 9.54 -10.97 10.37
N LEU A 68 10.47 -10.61 9.50
CA LEU A 68 10.88 -11.52 8.43
C LEU A 68 11.40 -12.82 9.06
N GLU A 69 12.16 -12.67 10.15
CA GLU A 69 12.71 -13.82 10.87
C GLU A 69 11.56 -14.70 11.31
N ILE A 70 10.57 -14.08 11.93
CA ILE A 70 9.40 -14.81 12.42
C ILE A 70 8.64 -15.51 11.31
N MET A 71 8.37 -14.79 10.21
CA MET A 71 7.65 -15.40 9.09
C MET A 71 8.39 -16.53 8.42
N THR A 72 9.72 -16.41 8.33
CA THR A 72 10.52 -17.44 7.71
C THR A 72 10.36 -18.75 8.47
N LYS A 73 10.52 -18.69 9.79
CA LYS A 73 10.39 -19.89 10.61
C LYS A 73 8.99 -20.48 10.52
N ARG A 74 7.98 -19.66 10.78
CA ARG A 74 6.61 -20.15 10.77
C ARG A 74 6.19 -20.74 9.42
N SER A 75 6.84 -20.33 8.34
CA SER A 75 6.50 -20.88 7.02
C SER A 75 7.29 -22.16 6.80
N ASN A 76 8.09 -22.52 7.81
CA ASN A 76 8.93 -23.70 7.78
C ASN A 76 10.09 -23.51 6.79
N TYR A 77 10.62 -22.30 6.79
CA TYR A 77 11.74 -21.93 5.91
C TYR A 77 11.52 -22.06 4.41
N THR A 78 10.29 -21.86 3.92
CA THR A 78 10.09 -21.96 2.48
C THR A 78 10.59 -20.66 1.83
N PRO A 79 11.53 -20.77 0.90
CA PRO A 79 12.10 -19.61 0.21
C PRO A 79 11.23 -19.08 -0.94
N ILE A 80 11.56 -17.86 -1.40
CA ILE A 80 10.85 -17.23 -2.49
C ILE A 80 11.23 -17.87 -3.81
N THR A 81 10.28 -18.08 -4.70
CA THR A 81 10.63 -18.68 -5.99
C THR A 81 10.95 -17.54 -6.95
N ASN A 82 12.18 -17.54 -7.45
CA ASN A 82 12.62 -16.49 -8.37
C ASN A 82 11.71 -16.27 -9.56
N VAL A 83 11.56 -15.01 -9.95
CA VAL A 83 10.78 -14.67 -11.13
C VAL A 83 11.73 -13.82 -11.99
N PRO A 84 12.24 -14.41 -13.07
CA PRO A 84 13.16 -13.60 -13.87
C PRO A 84 12.49 -12.34 -14.43
N PRO A 85 13.26 -11.26 -14.63
CA PRO A 85 12.82 -9.96 -15.14
C PRO A 85 12.62 -9.86 -16.63
N GLU A 86 11.72 -8.98 -17.01
CA GLU A 86 11.49 -8.69 -18.42
C GLU A 86 12.33 -7.45 -18.62
N VAL A 87 13.20 -7.44 -19.60
CA VAL A 87 14.01 -6.26 -19.85
C VAL A 87 13.78 -5.70 -21.24
N THR A 88 13.73 -4.37 -21.32
CA THR A 88 13.52 -3.69 -22.58
C THR A 88 14.28 -2.36 -22.55
N VAL A 89 15.02 -2.06 -23.61
CA VAL A 89 15.78 -0.83 -23.64
C VAL A 89 15.11 0.12 -24.60
N LEU A 90 14.89 1.33 -24.11
CA LEU A 90 14.18 2.34 -24.87
C LEU A 90 14.94 3.65 -24.85
N THR A 91 14.53 4.53 -25.74
CA THR A 91 15.15 5.83 -25.84
C THR A 91 14.16 6.82 -25.20
N ASN A 92 14.67 7.88 -24.58
CA ASN A 92 13.79 8.86 -23.95
C ASN A 92 12.92 9.65 -24.96
N SER A 93 13.53 10.05 -26.07
CA SER A 93 12.81 10.78 -27.11
C SER A 93 13.36 10.35 -28.48
N PRO A 94 12.64 10.64 -29.58
CA PRO A 94 13.14 10.26 -30.90
C PRO A 94 14.60 10.70 -31.09
N VAL A 95 15.44 9.81 -31.60
CA VAL A 95 16.85 10.12 -31.77
C VAL A 95 17.22 10.90 -33.02
N GLU A 96 18.20 11.79 -32.86
CA GLU A 96 18.73 12.61 -33.94
C GLU A 96 20.24 12.49 -33.78
N LEU A 97 20.97 12.44 -34.88
CA LEU A 97 22.41 12.33 -34.78
C LEU A 97 23.07 13.50 -34.05
N ARG A 98 23.89 13.17 -33.08
CA ARG A 98 24.60 14.16 -32.28
C ARG A 98 23.72 15.11 -31.46
N GLU A 99 22.57 14.59 -31.03
CA GLU A 99 21.61 15.29 -30.19
C GLU A 99 21.51 14.42 -28.94
N PRO A 100 22.03 14.91 -27.81
CA PRO A 100 22.01 14.17 -26.53
C PRO A 100 20.68 13.45 -26.29
N ASN A 101 20.73 12.22 -25.80
CA ASN A 101 19.51 11.49 -25.53
C ASN A 101 19.72 10.65 -24.27
N VAL A 102 18.75 9.80 -23.95
CA VAL A 102 18.85 8.94 -22.76
C VAL A 102 18.30 7.55 -23.01
N LEU A 103 19.12 6.56 -22.71
CA LEU A 103 18.72 5.17 -22.87
C LEU A 103 18.10 4.75 -21.54
N ILE A 104 16.89 4.21 -21.63
CA ILE A 104 16.18 3.77 -20.46
C ILE A 104 16.16 2.26 -20.48
N CYS A 105 16.60 1.65 -19.39
CA CYS A 105 16.60 0.21 -19.28
C CYS A 105 15.51 -0.05 -18.28
N PHE A 106 14.43 -0.62 -18.77
CA PHE A 106 13.26 -0.89 -17.95
C PHE A 106 13.24 -2.36 -17.56
N ILE A 107 13.50 -2.64 -16.28
CA ILE A 107 13.51 -3.99 -15.72
C ILE A 107 12.18 -4.14 -14.97
N ASP A 108 11.40 -5.14 -15.37
CA ASP A 108 10.07 -5.30 -14.78
C ASP A 108 9.66 -6.73 -14.43
N LYS A 109 8.64 -6.80 -13.58
CA LYS A 109 8.03 -8.06 -13.13
C LYS A 109 9.00 -9.11 -12.61
N PHE A 110 9.80 -8.76 -11.62
CA PHE A 110 10.72 -9.75 -11.10
C PHE A 110 10.69 -9.77 -9.59
N THR A 111 11.38 -10.75 -9.03
CA THR A 111 11.52 -10.93 -7.59
C THR A 111 12.47 -12.11 -7.39
N PRO A 112 13.25 -12.10 -6.29
CA PRO A 112 13.32 -11.06 -5.27
C PRO A 112 13.94 -9.77 -5.81
N PRO A 113 13.95 -8.70 -5.01
CA PRO A 113 14.51 -7.43 -5.47
C PRO A 113 16.04 -7.24 -5.37
N VAL A 114 16.77 -8.06 -6.11
CA VAL A 114 18.23 -7.97 -6.18
C VAL A 114 18.57 -8.13 -7.66
N VAL A 115 19.31 -7.18 -8.23
CA VAL A 115 19.62 -7.27 -9.65
C VAL A 115 20.93 -6.53 -9.93
N ASN A 116 21.80 -7.14 -10.71
CA ASN A 116 23.06 -6.49 -11.06
C ASN A 116 22.88 -5.98 -12.47
N VAL A 117 23.00 -4.68 -12.64
CA VAL A 117 22.79 -4.07 -13.94
C VAL A 117 24.04 -3.38 -14.42
N THR A 118 24.35 -3.53 -15.69
CA THR A 118 25.55 -2.93 -16.27
C THR A 118 25.26 -2.31 -17.63
N TRP A 119 25.76 -1.11 -17.87
CA TRP A 119 25.58 -0.51 -19.18
C TRP A 119 26.89 -0.77 -19.93
N LEU A 120 26.79 -1.15 -21.20
CA LEU A 120 27.97 -1.43 -22.02
C LEU A 120 27.94 -0.70 -23.36
N ARG A 121 29.02 0.03 -23.66
CA ARG A 121 29.15 0.74 -24.93
C ARG A 121 30.25 -0.01 -25.66
N ASN A 122 29.87 -0.66 -26.76
CA ASN A 122 30.81 -1.44 -27.54
C ASN A 122 31.51 -2.49 -26.64
N GLY A 123 30.71 -3.17 -25.81
CA GLY A 123 31.24 -4.20 -24.94
C GLY A 123 32.02 -3.77 -23.71
N LYS A 124 32.08 -2.47 -23.45
CA LYS A 124 32.84 -1.98 -22.30
C LYS A 124 31.88 -1.30 -21.31
N PRO A 125 32.10 -1.50 -20.00
CA PRO A 125 31.24 -0.89 -18.98
C PRO A 125 31.32 0.63 -19.04
N VAL A 126 30.21 1.31 -18.75
CA VAL A 126 30.15 2.78 -18.75
C VAL A 126 29.48 3.26 -17.47
N THR A 127 29.99 4.36 -16.90
CA THR A 127 29.43 4.91 -15.67
C THR A 127 29.10 6.40 -15.80
N THR A 128 29.75 7.03 -16.77
CA THR A 128 29.56 8.45 -17.01
C THR A 128 28.10 8.88 -17.11
N GLY A 129 27.57 9.44 -16.03
CA GLY A 129 26.21 9.94 -16.02
C GLY A 129 25.10 8.96 -15.70
N VAL A 130 25.43 7.69 -15.50
CA VAL A 130 24.41 6.70 -15.21
C VAL A 130 23.66 6.99 -13.91
N SER A 131 22.38 6.65 -13.88
CA SER A 131 21.54 6.83 -12.71
C SER A 131 20.51 5.71 -12.66
N GLU A 132 20.03 5.36 -11.47
CA GLU A 132 19.05 4.30 -11.35
C GLU A 132 18.03 4.65 -10.29
N THR A 133 16.91 3.94 -10.28
CA THR A 133 15.88 4.16 -9.28
C THR A 133 15.98 2.99 -8.31
N VAL A 134 15.20 3.05 -7.24
CA VAL A 134 15.18 1.95 -6.30
C VAL A 134 14.17 0.95 -6.87
N PHE A 135 13.79 -0.05 -6.09
CA PHE A 135 12.82 -1.02 -6.58
C PHE A 135 11.41 -0.52 -6.34
N LEU A 136 10.65 -0.38 -7.43
CA LEU A 136 9.28 0.10 -7.34
C LEU A 136 8.32 -1.10 -7.19
N PRO A 137 7.33 -1.00 -6.29
CA PRO A 137 6.38 -2.09 -6.07
C PRO A 137 5.35 -2.24 -7.19
N ARG A 138 4.80 -3.44 -7.32
CA ARG A 138 3.79 -3.74 -8.33
C ARG A 138 2.61 -4.38 -7.61
N GLU A 139 1.42 -4.28 -8.19
CA GLU A 139 0.22 -4.83 -7.58
C GLU A 139 0.31 -6.33 -7.34
N ASP A 140 1.08 -7.03 -8.17
CA ASP A 140 1.27 -8.46 -8.03
C ASP A 140 2.42 -8.76 -7.07
N HIS A 141 2.93 -7.70 -6.43
CA HIS A 141 4.01 -7.86 -5.45
C HIS A 141 5.39 -8.22 -6.00
N LEU A 142 5.53 -8.07 -7.31
CA LEU A 142 6.81 -8.27 -7.96
C LEU A 142 7.37 -6.84 -7.99
N PHE A 143 8.53 -6.63 -8.59
CA PHE A 143 9.11 -5.31 -8.61
C PHE A 143 9.42 -4.77 -10.00
N ARG A 144 9.65 -3.46 -10.06
CA ARG A 144 9.93 -2.75 -11.29
C ARG A 144 11.16 -1.90 -10.94
N LYS A 145 12.02 -1.62 -11.92
CA LYS A 145 13.23 -0.82 -11.68
C LYS A 145 13.67 -0.15 -12.97
N PHE A 146 14.34 0.99 -12.85
CA PHE A 146 14.81 1.71 -14.02
C PHE A 146 16.27 2.08 -13.91
N HIS A 147 16.96 2.05 -15.05
CA HIS A 147 18.37 2.43 -15.13
C HIS A 147 18.51 3.38 -16.30
N TYR A 148 19.33 4.41 -16.13
CA TYR A 148 19.48 5.41 -17.15
C TYR A 148 20.87 5.64 -17.67
N LEU A 149 20.99 5.85 -18.97
CA LEU A 149 22.27 6.10 -19.58
C LEU A 149 22.16 7.22 -20.61
N PRO A 150 22.62 8.42 -20.26
CA PRO A 150 22.56 9.56 -21.20
C PRO A 150 23.68 9.31 -22.21
N PHE A 151 23.42 9.60 -23.48
CA PHE A 151 24.44 9.34 -24.49
C PHE A 151 24.25 10.24 -25.70
N LEU A 152 25.21 10.19 -26.61
CA LEU A 152 25.15 10.97 -27.84
C LEU A 152 24.93 10.01 -29.01
N PRO A 153 23.79 10.11 -29.70
CA PRO A 153 23.57 9.19 -30.83
C PRO A 153 24.66 9.25 -31.91
N SER A 154 24.99 8.08 -32.46
CA SER A 154 25.98 7.96 -33.53
C SER A 154 25.76 6.67 -34.30
N THR A 155 26.43 6.54 -35.44
CA THR A 155 26.29 5.33 -36.22
C THR A 155 27.42 4.38 -35.85
N GLU A 156 28.42 4.91 -35.17
CA GLU A 156 29.58 4.14 -34.78
C GLU A 156 29.48 3.38 -33.46
N ASP A 157 28.44 3.63 -32.67
CA ASP A 157 28.36 2.95 -31.38
C ASP A 157 27.15 2.04 -31.12
N VAL A 158 27.39 0.97 -30.36
CA VAL A 158 26.33 0.04 -29.98
C VAL A 158 26.27 -0.04 -28.45
N TYR A 159 25.08 -0.21 -27.91
CA TYR A 159 24.93 -0.30 -26.47
C TYR A 159 24.23 -1.56 -26.05
N ASP A 160 24.36 -1.86 -24.76
CA ASP A 160 23.76 -3.03 -24.18
C ASP A 160 23.45 -2.80 -22.70
N CYS A 161 22.25 -3.22 -22.28
CA CYS A 161 21.90 -3.14 -20.88
C CYS A 161 22.07 -4.59 -20.40
N ARG A 162 23.12 -4.84 -19.62
CA ARG A 162 23.41 -6.16 -19.11
C ARG A 162 22.69 -6.35 -17.77
N VAL A 163 21.87 -7.39 -17.67
CA VAL A 163 21.09 -7.64 -16.45
C VAL A 163 21.25 -9.02 -15.85
N GLU A 164 21.65 -9.08 -14.58
CA GLU A 164 21.83 -10.35 -13.91
C GLU A 164 20.79 -10.48 -12.79
N HIS A 165 20.21 -11.67 -12.68
CA HIS A 165 19.22 -11.96 -11.66
C HIS A 165 19.16 -13.48 -11.48
N TRP A 166 18.90 -13.95 -10.26
CA TRP A 166 18.88 -15.39 -9.99
C TRP A 166 17.86 -16.25 -10.76
N GLY A 167 16.79 -15.63 -11.25
CA GLY A 167 15.80 -16.38 -11.99
C GLY A 167 16.20 -16.49 -13.45
N LEU A 168 17.40 -16.00 -13.75
CA LEU A 168 17.95 -15.99 -15.11
C LEU A 168 19.08 -17.02 -15.24
N ASP A 169 19.05 -17.80 -16.33
CA ASP A 169 20.06 -18.82 -16.60
C ASP A 169 21.45 -18.23 -16.74
N GLU A 170 21.52 -17.06 -17.35
CA GLU A 170 22.78 -16.36 -17.55
C GLU A 170 22.47 -14.88 -17.80
N PRO A 171 23.50 -14.00 -17.71
CA PRO A 171 23.30 -12.57 -17.93
C PRO A 171 22.48 -12.31 -19.18
N LEU A 172 21.59 -11.35 -19.11
CA LEU A 172 20.75 -11.02 -20.25
C LEU A 172 21.18 -9.66 -20.81
N LEU A 173 21.49 -9.63 -22.10
CA LEU A 173 21.89 -8.38 -22.76
C LEU A 173 20.77 -7.84 -23.63
N LYS A 174 20.39 -6.59 -23.41
CA LYS A 174 19.37 -5.98 -24.22
C LYS A 174 20.11 -4.98 -25.11
N HIS A 175 20.08 -5.24 -26.41
CA HIS A 175 20.80 -4.43 -27.40
C HIS A 175 20.11 -3.19 -27.99
N TRP A 176 20.90 -2.15 -28.21
CA TRP A 176 20.39 -0.93 -28.83
C TRP A 176 21.47 -0.34 -29.70
N GLU A 177 21.07 0.28 -30.81
CA GLU A 177 22.03 0.90 -31.71
C GLU A 177 21.25 1.75 -32.70
N PHE A 178 21.88 2.82 -33.18
CA PHE A 178 21.22 3.68 -34.15
C PHE A 178 20.97 2.92 -35.45
N ASP A 179 19.87 3.26 -36.11
CA ASP A 179 19.50 2.60 -37.36
C ASP A 179 19.28 3.59 -38.49
N ALA A 180 20.24 3.69 -39.39
CA ALA A 180 20.14 4.61 -40.53
C ALA A 180 19.82 3.84 -41.82
N THR B 1 22.95 -19.24 -5.95
CA THR B 1 23.24 -18.72 -4.59
C THR B 1 22.22 -19.33 -3.61
N ARG B 2 22.24 -18.86 -2.36
CA ARG B 2 21.34 -19.39 -1.33
C ARG B 2 19.88 -18.96 -1.49
N PRO B 3 18.97 -19.60 -0.72
CA PRO B 3 17.54 -19.27 -0.79
C PRO B 3 17.29 -17.87 -0.21
N ARG B 4 16.29 -17.18 -0.73
CA ARG B 4 15.98 -15.84 -0.23
C ARG B 4 14.61 -15.82 0.45
N PHE B 5 14.51 -14.96 1.45
CA PHE B 5 13.28 -14.79 2.20
C PHE B 5 12.91 -13.32 2.13
N LEU B 6 11.70 -13.06 1.63
CA LEU B 6 11.22 -11.70 1.44
C LEU B 6 10.00 -11.33 2.29
N TRP B 7 10.07 -10.14 2.89
CA TRP B 7 8.98 -9.62 3.70
C TRP B 7 8.66 -8.22 3.20
N GLN B 8 7.41 -8.03 2.79
CA GLN B 8 6.97 -6.76 2.24
C GLN B 8 5.82 -6.20 3.03
N LEU B 9 5.77 -4.89 3.14
CA LEU B 9 4.68 -4.24 3.85
C LEU B 9 4.25 -3.06 3.01
N LYS B 10 2.97 -3.04 2.64
CA LYS B 10 2.43 -1.96 1.83
C LYS B 10 1.22 -1.28 2.44
N PHE B 11 1.27 0.04 2.50
CA PHE B 11 0.15 0.82 3.00
C PHE B 11 -0.37 1.60 1.79
N GLU B 12 -1.55 1.23 1.30
CA GLU B 12 -2.08 1.92 0.14
C GLU B 12 -3.33 2.76 0.41
N CYS B 13 -3.24 4.02 0.03
CA CYS B 13 -4.34 4.97 0.19
C CYS B 13 -5.02 5.16 -1.16
N HIS B 14 -6.26 4.72 -1.25
CA HIS B 14 -7.01 4.86 -2.49
C HIS B 14 -7.93 6.08 -2.40
N PHE B 15 -7.72 7.04 -3.29
CA PHE B 15 -8.51 8.27 -3.31
C PHE B 15 -9.46 8.31 -4.50
N PHE B 16 -10.75 8.49 -4.20
CA PHE B 16 -11.76 8.56 -5.26
C PHE B 16 -12.46 9.91 -5.19
N ASN B 17 -12.56 10.59 -6.34
CA ASN B 17 -13.22 11.88 -6.40
C ASN B 17 -12.51 12.89 -5.49
N GLY B 18 -11.19 12.89 -5.56
CA GLY B 18 -10.42 13.81 -4.74
C GLY B 18 -10.15 13.33 -3.33
N THR B 19 -11.15 13.43 -2.46
CA THR B 19 -11.00 13.02 -1.08
C THR B 19 -12.36 12.64 -0.48
N GLU B 20 -13.40 12.78 -1.28
CA GLU B 20 -14.74 12.46 -0.81
C GLU B 20 -14.83 11.00 -0.39
N ARG B 21 -13.91 10.18 -0.88
CA ARG B 21 -13.89 8.77 -0.53
C ARG B 21 -12.44 8.29 -0.48
N VAL B 22 -12.05 7.74 0.67
CA VAL B 22 -10.68 7.26 0.84
C VAL B 22 -10.64 5.90 1.49
N ARG B 23 -10.06 4.93 0.80
CA ARG B 23 -9.94 3.60 1.36
C ARG B 23 -8.48 3.33 1.73
N LEU B 24 -8.27 2.74 2.89
CA LEU B 24 -6.91 2.43 3.31
C LEU B 24 -6.71 0.92 3.30
N LEU B 25 -5.66 0.49 2.62
CA LEU B 25 -5.35 -0.92 2.53
C LEU B 25 -3.92 -1.16 3.00
N GLU B 26 -3.80 -1.91 4.09
CA GLU B 26 -2.52 -2.25 4.69
C GLU B 26 -2.29 -3.72 4.36
N ARG B 27 -1.19 -4.05 3.69
CA ARG B 27 -0.95 -5.44 3.33
C ARG B 27 0.42 -5.97 3.76
N CYS B 28 0.43 -7.20 4.25
CA CYS B 28 1.67 -7.87 4.64
C CYS B 28 1.92 -8.94 3.57
N ILE B 29 3.10 -8.95 2.99
CA ILE B 29 3.37 -9.96 1.98
C ILE B 29 4.65 -10.77 2.29
N TYR B 30 4.50 -12.09 2.35
CA TYR B 30 5.65 -12.96 2.59
C TYR B 30 6.03 -13.61 1.24
N ASN B 31 7.27 -13.31 0.78
CA ASN B 31 7.77 -13.76 -0.52
C ASN B 31 6.85 -13.16 -1.58
N GLN B 32 5.86 -13.92 -2.05
CA GLN B 32 4.95 -13.38 -3.04
C GLN B 32 3.49 -13.64 -2.65
N GLU B 33 3.27 -13.95 -1.38
CA GLU B 33 1.94 -14.24 -0.88
C GLU B 33 1.45 -13.30 0.21
N GLU B 34 0.37 -12.56 -0.08
CA GLU B 34 -0.22 -11.67 0.90
C GLU B 34 -0.72 -12.60 2.00
N SER B 35 -0.44 -12.28 3.26
CA SER B 35 -0.86 -13.17 4.34
C SER B 35 -1.92 -12.57 5.27
N VAL B 36 -1.87 -11.26 5.46
CA VAL B 36 -2.83 -10.60 6.31
C VAL B 36 -3.02 -9.15 5.86
N ARG B 37 -4.20 -8.59 6.07
CA ARG B 37 -4.43 -7.21 5.67
C ARG B 37 -5.50 -6.50 6.47
N PHE B 38 -5.39 -5.18 6.52
CA PHE B 38 -6.37 -4.34 7.17
C PHE B 38 -7.00 -3.54 6.04
N ASP B 39 -8.33 -3.56 5.99
CA ASP B 39 -9.08 -2.83 4.98
C ASP B 39 -9.96 -1.83 5.75
N SER B 40 -9.70 -0.53 5.57
CA SER B 40 -10.50 0.46 6.30
C SER B 40 -12.01 0.24 6.11
N ASP B 41 -12.42 -0.37 4.99
CA ASP B 41 -13.85 -0.62 4.76
C ASP B 41 -14.36 -1.82 5.55
N VAL B 42 -13.44 -2.62 6.07
CA VAL B 42 -13.81 -3.79 6.85
C VAL B 42 -13.74 -3.46 8.33
N GLY B 43 -12.71 -2.73 8.74
CA GLY B 43 -12.58 -2.34 10.14
C GLY B 43 -11.60 -3.13 10.97
N GLU B 44 -11.28 -4.35 10.53
CA GLU B 44 -10.34 -5.14 11.30
C GLU B 44 -9.36 -5.86 10.41
N TYR B 45 -8.43 -6.59 11.01
CA TYR B 45 -7.46 -7.34 10.24
C TYR B 45 -8.09 -8.66 9.82
N ARG B 46 -7.75 -9.10 8.61
CA ARG B 46 -8.27 -10.33 8.07
C ARG B 46 -7.11 -11.15 7.53
N ALA B 47 -7.06 -12.42 7.90
CA ALA B 47 -5.98 -13.27 7.39
C ALA B 47 -6.36 -13.62 5.96
N VAL B 48 -5.43 -13.44 5.02
CA VAL B 48 -5.76 -13.79 3.65
C VAL B 48 -5.33 -15.26 3.48
N THR B 49 -4.13 -15.59 3.97
CA THR B 49 -3.63 -16.97 3.91
C THR B 49 -3.49 -17.46 5.34
N GLU B 50 -3.41 -18.77 5.52
CA GLU B 50 -3.28 -19.35 6.86
C GLU B 50 -2.08 -18.84 7.64
N LEU B 51 -1.00 -18.49 6.93
CA LEU B 51 0.20 -17.99 7.60
C LEU B 51 -0.10 -16.71 8.35
N GLY B 52 -1.15 -16.00 7.91
CA GLY B 52 -1.52 -14.75 8.54
C GLY B 52 -2.49 -14.85 9.71
N ARG B 53 -3.09 -16.02 9.90
CA ARG B 53 -4.03 -16.23 10.99
C ARG B 53 -3.57 -15.74 12.36
N PRO B 54 -2.37 -16.15 12.80
CA PRO B 54 -1.85 -15.73 14.11
C PRO B 54 -1.81 -14.21 14.28
N ASP B 55 -1.38 -13.53 13.23
CA ASP B 55 -1.25 -12.08 13.26
C ASP B 55 -2.60 -11.36 13.33
N ALA B 56 -3.54 -11.75 12.48
CA ALA B 56 -4.85 -11.14 12.47
C ALA B 56 -5.51 -11.29 13.85
N GLU B 57 -5.32 -12.44 14.47
CA GLU B 57 -5.91 -12.67 15.77
C GLU B 57 -5.26 -11.80 16.85
N TYR B 58 -3.94 -11.72 16.82
CA TYR B 58 -3.19 -10.94 17.79
C TYR B 58 -3.48 -9.45 17.63
N TRP B 59 -3.44 -8.96 16.40
CA TRP B 59 -3.70 -7.54 16.14
C TRP B 59 -5.14 -7.07 16.43
N ASN B 60 -6.12 -7.91 16.17
CA ASN B 60 -7.49 -7.50 16.45
C ASN B 60 -7.77 -7.54 17.96
N SER B 61 -6.80 -8.01 18.75
CA SER B 61 -6.98 -8.07 20.21
C SER B 61 -6.41 -6.81 20.88
N GLN B 62 -5.83 -5.91 20.10
CA GLN B 62 -5.25 -4.66 20.61
C GLN B 62 -6.12 -3.46 20.26
N LYS B 63 -6.82 -2.88 21.23
CA LYS B 63 -7.69 -1.74 20.94
C LYS B 63 -7.00 -0.48 20.40
N ASP B 64 -5.90 -0.06 21.01
CA ASP B 64 -5.22 1.15 20.54
C ASP B 64 -4.82 1.03 19.07
N LEU B 65 -4.33 -0.15 18.72
CA LEU B 65 -3.92 -0.45 17.37
C LEU B 65 -5.15 -0.36 16.46
N LEU B 66 -6.26 -0.96 16.89
CA LEU B 66 -7.49 -0.94 16.10
C LEU B 66 -7.99 0.49 15.92
N GLU B 67 -7.95 1.27 16.99
CA GLU B 67 -8.42 2.65 16.93
C GLU B 67 -7.54 3.51 16.03
N GLN B 68 -6.24 3.27 16.06
CA GLN B 68 -5.30 4.03 15.22
C GLN B 68 -5.56 3.78 13.73
N ARG B 69 -5.60 2.52 13.33
CA ARG B 69 -5.85 2.19 11.92
C ARG B 69 -7.21 2.69 11.43
N ARG B 70 -8.24 2.56 12.29
CA ARG B 70 -9.58 2.99 11.89
C ARG B 70 -9.71 4.50 11.66
N ALA B 71 -8.72 5.26 12.11
CA ALA B 71 -8.72 6.72 11.91
C ALA B 71 -7.63 7.15 10.92
N ALA B 72 -6.79 6.20 10.51
CA ALA B 72 -5.69 6.48 9.59
C ALA B 72 -6.14 7.13 8.29
N VAL B 73 -7.34 6.79 7.82
CA VAL B 73 -7.85 7.37 6.58
C VAL B 73 -7.83 8.90 6.69
N ASP B 74 -7.87 9.41 7.92
CA ASP B 74 -7.84 10.85 8.13
C ASP B 74 -6.48 11.33 8.60
N THR B 75 -5.94 10.69 9.63
CA THR B 75 -4.65 11.08 10.16
C THR B 75 -3.47 10.70 9.28
N TYR B 76 -3.70 9.82 8.32
CA TYR B 76 -2.63 9.36 7.43
C TYR B 76 -2.91 9.62 5.96
N CYS B 77 -3.89 8.92 5.40
CA CYS B 77 -4.20 9.07 4.00
C CYS B 77 -4.53 10.52 3.61
N ARG B 78 -5.66 11.03 4.08
CA ARG B 78 -6.05 12.40 3.75
C ARG B 78 -4.96 13.39 4.07
N HIS B 79 -4.19 13.12 5.12
CA HIS B 79 -3.11 14.02 5.48
C HIS B 79 -2.03 14.02 4.41
N ASN B 80 -1.42 12.86 4.13
CA ASN B 80 -0.35 12.80 3.13
C ASN B 80 -0.83 13.22 1.74
N TYR B 81 -2.12 13.05 1.47
CA TYR B 81 -2.66 13.47 0.18
C TYR B 81 -2.45 14.97 0.07
N GLY B 82 -2.64 15.68 1.18
CA GLY B 82 -2.46 17.12 1.18
C GLY B 82 -1.00 17.53 1.04
N VAL B 83 -0.14 16.99 1.91
CA VAL B 83 1.28 17.30 1.91
C VAL B 83 1.92 17.38 0.51
N GLY B 84 1.46 16.55 -0.42
CA GLY B 84 2.05 16.60 -1.75
C GLY B 84 1.14 16.89 -2.91
N GLU B 85 -0.11 17.25 -2.65
CA GLU B 85 -1.07 17.51 -3.74
C GLU B 85 -0.59 18.52 -4.79
N SER B 86 0.06 19.59 -4.34
CA SER B 86 0.53 20.64 -5.23
C SER B 86 1.47 20.18 -6.33
N PHE B 87 2.28 19.15 -6.06
CA PHE B 87 3.23 18.69 -7.06
C PHE B 87 3.03 17.25 -7.56
N THR B 88 1.92 16.64 -7.20
CA THR B 88 1.63 15.29 -7.64
C THR B 88 0.30 15.32 -8.41
N VAL B 89 -0.79 15.44 -7.67
CA VAL B 89 -2.13 15.49 -8.27
C VAL B 89 -2.25 16.69 -9.21
N GLN B 90 -1.48 17.74 -8.92
CA GLN B 90 -1.51 18.97 -9.71
C GLN B 90 -0.39 19.07 -10.76
N ARG B 91 0.58 18.15 -10.71
CA ARG B 91 1.69 18.18 -11.66
C ARG B 91 1.20 18.05 -13.11
N ARG B 92 1.77 18.86 -13.99
CA ARG B 92 1.38 18.86 -15.40
C ARG B 92 2.51 19.25 -16.35
N VAL B 93 2.83 18.35 -17.27
CA VAL B 93 3.89 18.60 -18.23
C VAL B 93 3.38 18.24 -19.63
N GLU B 94 3.39 19.25 -20.49
CA GLU B 94 2.92 19.13 -21.86
C GLU B 94 3.76 18.15 -22.66
N PRO B 95 3.10 17.32 -23.49
CA PRO B 95 3.77 16.33 -24.33
C PRO B 95 4.48 16.97 -25.53
N LYS B 96 5.51 16.29 -26.01
CA LYS B 96 6.28 16.75 -27.17
C LYS B 96 5.85 15.83 -28.31
N VAL B 97 5.13 16.38 -29.28
CA VAL B 97 4.63 15.58 -30.38
C VAL B 97 5.43 15.69 -31.67
N THR B 98 5.93 14.57 -32.15
CA THR B 98 6.73 14.51 -33.36
C THR B 98 6.18 13.46 -34.31
N VAL B 99 6.24 13.72 -35.61
CA VAL B 99 5.72 12.77 -36.57
C VAL B 99 6.79 12.46 -37.60
N TYR B 100 7.05 11.19 -37.81
CA TYR B 100 8.05 10.82 -38.79
C TYR B 100 7.82 9.39 -39.26
N PRO B 101 8.14 9.11 -40.54
CA PRO B 101 7.93 7.74 -41.01
C PRO B 101 9.19 6.95 -40.68
N SER B 102 9.12 5.63 -40.48
CA SER B 102 10.11 4.78 -39.85
C SER B 102 11.29 4.52 -40.79
N LYS B 103 11.07 4.37 -42.06
CA LYS B 103 12.08 3.86 -43.00
C LYS B 103 11.80 4.55 -44.31
N THR B 104 12.81 5.13 -44.80
CA THR B 104 12.62 6.09 -45.87
C THR B 104 12.35 5.31 -47.15
N GLN B 105 11.08 5.25 -47.55
CA GLN B 105 10.67 4.53 -48.74
C GLN B 105 10.00 5.38 -49.80
N PRO B 106 10.11 4.98 -51.07
CA PRO B 106 9.49 5.74 -52.15
C PRO B 106 7.98 5.65 -51.95
N LEU B 107 7.25 6.65 -52.44
CA LEU B 107 5.80 6.68 -52.27
C LEU B 107 5.06 5.48 -52.86
N GLN B 108 3.80 5.33 -52.44
CA GLN B 108 2.91 4.25 -52.87
C GLN B 108 3.29 2.87 -52.33
N HIS B 109 4.44 2.76 -51.68
CA HIS B 109 4.85 1.49 -51.10
C HIS B 109 4.49 1.61 -49.62
N HIS B 110 3.98 0.53 -49.02
CA HIS B 110 3.57 0.53 -47.61
C HIS B 110 4.60 1.13 -46.66
N ASN B 111 4.13 1.99 -45.75
CA ASN B 111 5.02 2.63 -44.78
C ASN B 111 4.37 2.79 -43.40
N LEU B 112 5.21 2.95 -42.39
CA LEU B 112 4.75 3.11 -41.02
C LEU B 112 4.97 4.54 -40.52
N LEU B 113 3.90 5.33 -40.47
CA LEU B 113 4.01 6.70 -39.98
C LEU B 113 4.05 6.64 -38.46
N VAL B 114 5.07 7.25 -37.87
CA VAL B 114 5.20 7.25 -36.42
C VAL B 114 4.83 8.57 -35.73
N CYS B 115 3.94 8.49 -34.74
CA CYS B 115 3.60 9.68 -33.98
C CYS B 115 4.15 9.51 -32.58
N SER B 116 5.28 10.15 -32.32
CA SER B 116 5.89 10.04 -31.01
C SER B 116 5.37 11.13 -30.08
N VAL B 117 4.84 10.72 -28.93
CA VAL B 117 4.36 11.68 -27.94
C VAL B 117 5.23 11.43 -26.70
N SER B 118 6.10 12.37 -26.33
CA SER B 118 6.98 12.11 -25.19
C SER B 118 7.08 13.15 -24.06
N GLY B 119 7.70 12.71 -22.96
CA GLY B 119 7.90 13.55 -21.79
C GLY B 119 6.69 14.17 -21.11
N PHE B 120 5.50 13.58 -21.24
CA PHE B 120 4.34 14.17 -20.61
C PHE B 120 3.93 13.59 -19.25
N TYR B 121 2.99 14.27 -18.61
CA TYR B 121 2.46 13.87 -17.32
C TYR B 121 1.22 14.72 -17.09
N PRO B 122 0.13 14.13 -16.57
CA PRO B 122 -0.16 12.74 -16.17
C PRO B 122 -0.27 11.80 -17.36
N GLY B 123 -0.39 10.50 -17.06
CA GLY B 123 -0.48 9.49 -18.09
C GLY B 123 -1.73 9.55 -18.97
N SER B 124 -2.83 10.06 -18.42
CA SER B 124 -4.05 10.14 -19.20
C SER B 124 -3.77 10.93 -20.49
N ILE B 125 -3.93 10.28 -21.64
CA ILE B 125 -3.65 10.95 -22.92
C ILE B 125 -4.40 10.27 -24.06
N GLU B 126 -4.69 11.01 -25.12
CA GLU B 126 -5.39 10.45 -26.27
C GLU B 126 -4.69 10.84 -27.57
N VAL B 127 -4.43 9.87 -28.42
CA VAL B 127 -3.75 10.12 -29.69
C VAL B 127 -4.60 9.54 -30.81
N ARG B 128 -4.93 10.34 -31.81
CA ARG B 128 -5.74 9.86 -32.91
C ARG B 128 -5.05 10.16 -34.22
N TRP B 129 -5.29 9.32 -35.23
CA TRP B 129 -4.69 9.53 -36.53
C TRP B 129 -5.75 9.97 -37.53
N PHE B 130 -5.33 10.84 -38.45
CA PHE B 130 -6.23 11.36 -39.47
C PHE B 130 -5.58 11.31 -40.83
N ARG B 131 -6.40 10.99 -41.82
CA ARG B 131 -5.96 10.92 -43.19
C ARG B 131 -6.87 11.91 -43.91
N ASN B 132 -6.28 13.00 -44.41
CA ASN B 132 -7.04 14.04 -45.09
C ASN B 132 -8.35 14.41 -44.39
N GLY B 133 -8.26 14.72 -43.11
CA GLY B 133 -9.44 15.13 -42.37
C GLY B 133 -10.33 14.03 -41.77
N GLN B 134 -10.21 12.80 -42.27
CA GLN B 134 -11.03 11.71 -41.75
C GLN B 134 -10.22 10.83 -40.79
N GLU B 135 -10.81 10.53 -39.63
CA GLU B 135 -10.15 9.73 -38.61
C GLU B 135 -9.88 8.27 -38.95
N GLU B 136 -8.63 7.88 -38.79
CA GLU B 136 -8.18 6.52 -39.05
C GLU B 136 -8.12 5.74 -37.75
N LYS B 137 -9.07 4.84 -37.54
CA LYS B 137 -9.10 4.02 -36.34
C LYS B 137 -8.39 2.68 -36.54
N ALA B 138 -8.29 2.26 -37.80
CA ALA B 138 -7.67 0.99 -38.12
C ALA B 138 -6.19 1.09 -38.48
N GLY B 139 -5.49 -0.04 -38.34
CA GLY B 139 -4.08 -0.11 -38.67
C GLY B 139 -3.21 0.77 -37.79
N VAL B 140 -3.58 0.89 -36.52
CA VAL B 140 -2.83 1.70 -35.58
C VAL B 140 -2.05 0.79 -34.63
N VAL B 141 -0.73 0.74 -34.80
CA VAL B 141 0.15 -0.07 -33.97
C VAL B 141 0.78 0.79 -32.88
N SER B 142 0.34 0.58 -31.64
CA SER B 142 0.81 1.36 -30.51
C SER B 142 1.55 0.58 -29.44
N THR B 143 2.43 1.27 -28.72
CA THR B 143 3.20 0.67 -27.65
C THR B 143 2.35 0.70 -26.39
N GLY B 144 1.37 1.60 -26.36
CA GLY B 144 0.53 1.75 -25.20
C GLY B 144 1.26 2.80 -24.36
N LEU B 145 0.73 3.13 -23.19
CA LEU B 145 1.38 4.11 -22.34
C LEU B 145 2.66 3.53 -21.70
N ILE B 146 3.76 4.28 -21.78
CA ILE B 146 5.03 3.83 -21.19
C ILE B 146 5.46 4.78 -20.07
N GLN B 147 5.76 4.23 -18.90
CA GLN B 147 6.19 5.06 -17.78
C GLN B 147 7.70 5.09 -17.79
N ASN B 148 8.30 6.28 -17.85
CA ASN B 148 9.75 6.37 -17.89
C ASN B 148 10.45 6.21 -16.55
N GLY B 149 9.71 6.35 -15.46
CA GLY B 149 10.31 6.21 -14.14
C GLY B 149 10.73 7.52 -13.50
N ASP B 150 10.58 8.62 -14.23
CA ASP B 150 10.94 9.94 -13.72
C ASP B 150 9.77 10.92 -13.85
N TRP B 151 8.57 10.45 -13.54
CA TRP B 151 7.39 11.30 -13.61
C TRP B 151 7.02 11.84 -14.99
N THR B 152 7.40 11.10 -16.02
CA THR B 152 7.06 11.45 -17.40
C THR B 152 6.70 10.17 -18.12
N PHE B 153 5.80 10.29 -19.08
CA PHE B 153 5.36 9.16 -19.86
C PHE B 153 5.72 9.42 -21.31
N GLN B 154 5.48 8.40 -22.12
CA GLN B 154 5.71 8.49 -23.55
C GLN B 154 4.92 7.38 -24.22
N THR B 155 4.59 7.58 -25.48
CA THR B 155 3.83 6.58 -26.21
C THR B 155 4.09 6.80 -27.70
N LEU B 156 4.35 5.71 -28.42
CA LEU B 156 4.59 5.75 -29.86
C LEU B 156 3.37 5.12 -30.51
N VAL B 157 2.67 5.91 -31.32
CA VAL B 157 1.47 5.43 -31.98
C VAL B 157 1.74 5.45 -33.47
N MET B 158 1.89 4.27 -34.04
CA MET B 158 2.20 4.16 -35.45
C MET B 158 0.97 3.89 -36.31
N LEU B 159 0.99 4.40 -37.53
CA LEU B 159 -0.12 4.21 -38.45
C LEU B 159 0.35 3.52 -39.72
N GLU B 160 -0.33 2.46 -40.12
CA GLU B 160 0.07 1.77 -41.34
C GLU B 160 -0.46 2.58 -42.51
N THR B 161 0.40 2.87 -43.47
CA THR B 161 -0.02 3.66 -44.61
C THR B 161 0.65 3.24 -45.90
N VAL B 162 0.08 3.73 -46.99
CA VAL B 162 0.60 3.55 -48.33
C VAL B 162 0.33 4.93 -48.88
N PRO B 163 1.18 5.89 -48.52
CA PRO B 163 1.08 7.29 -48.94
C PRO B 163 1.03 7.56 -50.44
N ARG B 164 0.00 8.28 -50.85
CA ARG B 164 -0.20 8.69 -52.23
C ARG B 164 0.10 10.18 -52.21
N SER B 165 0.74 10.67 -53.26
CA SER B 165 1.10 12.09 -53.31
C SER B 165 -0.11 12.99 -53.04
N GLY B 166 0.06 13.92 -52.11
CA GLY B 166 -1.02 14.83 -51.78
C GLY B 166 -1.69 14.56 -50.44
N GLU B 167 -1.62 13.32 -49.98
CA GLU B 167 -2.22 12.94 -48.72
C GLU B 167 -1.62 13.73 -47.55
N VAL B 168 -2.47 14.05 -46.59
CA VAL B 168 -2.06 14.78 -45.40
C VAL B 168 -2.50 14.05 -44.14
N TYR B 169 -1.55 13.43 -43.46
CA TYR B 169 -1.85 12.70 -42.23
C TYR B 169 -1.65 13.63 -41.05
N THR B 170 -2.55 13.55 -40.08
CA THR B 170 -2.44 14.42 -38.93
C THR B 170 -2.53 13.61 -37.63
N CYS B 171 -1.58 13.85 -36.74
CA CYS B 171 -1.57 13.17 -35.45
C CYS B 171 -2.12 14.13 -34.41
N GLN B 172 -3.32 13.87 -33.92
CA GLN B 172 -3.94 14.74 -32.92
C GLN B 172 -3.76 14.19 -31.52
N VAL B 173 -3.34 15.06 -30.60
CA VAL B 173 -3.09 14.66 -29.23
C VAL B 173 -3.90 15.48 -28.23
N GLU B 174 -4.54 14.82 -27.29
CA GLU B 174 -5.31 15.50 -26.25
C GLU B 174 -4.76 15.10 -24.90
N HIS B 175 -4.47 16.10 -24.07
CA HIS B 175 -3.87 15.85 -22.76
C HIS B 175 -4.16 17.00 -21.80
N PRO B 176 -4.53 16.67 -20.54
CA PRO B 176 -4.82 17.68 -19.51
C PRO B 176 -3.79 18.79 -19.29
N SER B 177 -2.73 18.81 -20.07
CA SER B 177 -1.73 19.86 -19.93
C SER B 177 -1.95 20.91 -20.99
N VAL B 178 -2.82 20.60 -21.95
CA VAL B 178 -3.11 21.54 -23.03
C VAL B 178 -4.60 21.75 -23.21
N THR B 179 -4.96 23.02 -23.43
CA THR B 179 -6.34 23.44 -23.64
C THR B 179 -6.94 22.91 -24.93
N SER B 180 -6.36 23.30 -26.06
CA SER B 180 -6.84 22.86 -27.36
C SER B 180 -5.94 21.74 -27.89
N PRO B 181 -6.55 20.64 -28.35
CA PRO B 181 -5.78 19.50 -28.87
C PRO B 181 -4.60 19.88 -29.76
N LEU B 182 -3.45 19.25 -29.50
CA LEU B 182 -2.24 19.48 -30.29
C LEU B 182 -2.38 18.72 -31.61
N THR B 183 -1.72 19.22 -32.65
CA THR B 183 -1.78 18.57 -33.95
C THR B 183 -0.47 18.78 -34.68
N VAL B 184 -0.11 17.80 -35.50
CA VAL B 184 1.10 17.88 -36.30
C VAL B 184 0.82 17.07 -37.54
N GLU B 185 1.27 17.58 -38.68
CA GLU B 185 1.00 16.91 -39.94
C GLU B 185 2.25 16.40 -40.63
N TRP B 186 2.00 15.60 -41.65
CA TRP B 186 3.05 15.05 -42.44
C TRP B 186 2.50 15.01 -43.87
N ARG B 187 3.24 15.60 -44.80
CA ARG B 187 2.81 15.62 -46.20
C ARG B 187 3.46 14.45 -46.92
N ALA B 188 2.71 13.81 -47.79
CA ALA B 188 3.23 12.68 -48.55
C ALA B 188 4.04 13.17 -49.75
N PRO C 1 4.82 21.28 5.12
CA PRO C 1 4.11 20.01 5.37
C PRO C 1 5.04 18.80 5.50
N LYS C 2 4.69 17.89 6.38
CA LYS C 2 5.50 16.70 6.61
C LYS C 2 4.74 15.40 6.32
N TYR C 3 5.43 14.47 5.68
CA TYR C 3 4.85 13.18 5.35
C TYR C 3 4.72 12.31 6.59
N VAL C 4 3.53 11.78 6.80
CA VAL C 4 3.30 10.93 7.95
C VAL C 4 3.47 9.47 7.56
N LYS C 5 4.19 8.70 8.37
CA LYS C 5 4.41 7.28 8.10
C LYS C 5 3.52 6.45 9.01
N GLN C 6 3.18 5.26 8.56
CA GLN C 6 2.37 4.36 9.35
C GLN C 6 3.42 3.43 9.95
N ASN C 7 3.28 3.08 11.23
CA ASN C 7 4.25 2.21 11.89
C ASN C 7 4.00 0.74 11.62
N THR C 8 5.09 -0.01 11.43
CA THR C 8 4.97 -1.43 11.20
C THR C 8 4.75 -2.11 12.56
N LEU C 9 3.81 -3.04 12.62
CA LEU C 9 3.51 -3.75 13.87
C LEU C 9 4.38 -4.99 13.99
N LYS C 10 4.59 -5.48 15.22
CA LYS C 10 5.38 -6.69 15.36
C LYS C 10 4.45 -7.91 15.27
N LEU C 11 4.84 -8.89 14.45
CA LEU C 11 4.03 -10.09 14.26
C LEU C 11 3.84 -10.89 15.53
N ALA C 12 2.88 -11.81 15.49
CA ALA C 12 2.59 -12.66 16.62
C ALA C 12 3.73 -13.67 16.82
N THR C 13 4.16 -13.82 18.07
CA THR C 13 5.20 -14.77 18.42
C THR C 13 4.51 -16.02 18.96
N HIS D 1 -50.24 4.84 44.10
CA HIS D 1 -50.07 3.77 43.07
C HIS D 1 -48.63 3.61 42.61
N THR D 2 -48.22 2.36 42.40
CA THR D 2 -46.88 2.03 41.95
C THR D 2 -46.95 1.32 40.59
N PHE D 3 -46.37 1.92 39.56
CA PHE D 3 -46.37 1.29 38.24
C PHE D 3 -45.08 0.47 38.15
N GLN D 4 -45.21 -0.83 37.99
CA GLN D 4 -44.03 -1.69 37.96
C GLN D 4 -43.61 -2.18 36.58
N VAL D 5 -42.51 -1.63 36.07
CA VAL D 5 -41.97 -2.07 34.80
C VAL D 5 -40.71 -2.89 35.15
N PRO D 6 -40.81 -4.24 35.13
CA PRO D 6 -39.64 -5.07 35.46
C PRO D 6 -38.78 -5.36 34.23
N GLN D 7 -37.55 -5.79 34.45
CA GLN D 7 -36.63 -6.07 33.35
C GLN D 7 -35.67 -7.20 33.68
N ASN D 8 -35.81 -8.31 32.96
CA ASN D 8 -34.95 -9.46 33.19
C ASN D 8 -33.93 -9.54 32.05
N TYR D 9 -32.65 -9.42 32.41
CA TYR D 9 -31.61 -9.52 31.41
C TYR D 9 -30.97 -10.88 31.48
N THR D 10 -30.55 -11.40 30.32
CA THR D 10 -29.91 -12.70 30.25
C THR D 10 -28.85 -12.67 29.16
N LYS D 11 -28.22 -13.81 28.91
CA LYS D 11 -27.21 -13.86 27.87
C LYS D 11 -27.88 -13.85 26.50
N ALA D 12 -27.15 -13.48 25.45
CA ALA D 12 -27.71 -13.43 24.12
C ALA D 12 -27.72 -14.82 23.52
N ASN D 13 -28.66 -15.07 22.61
CA ASN D 13 -28.79 -16.37 21.95
C ASN D 13 -28.45 -16.24 20.48
N CYS D 14 -27.76 -15.18 20.11
CA CYS D 14 -27.42 -14.99 18.70
C CYS D 14 -26.02 -14.48 18.45
N THR D 15 -25.64 -14.49 17.17
CA THR D 15 -24.35 -14.06 16.73
C THR D 15 -24.34 -12.66 16.16
N TYR D 16 -23.23 -11.96 16.39
CA TYR D 16 -23.04 -10.61 15.88
C TYR D 16 -21.62 -10.16 16.19
N CYS D 17 -21.13 -9.17 15.44
CA CYS D 17 -19.80 -8.62 15.64
C CYS D 17 -19.77 -7.42 14.71
N ASN D 18 -19.64 -6.23 15.29
CA ASN D 18 -19.57 -5.04 14.46
C ASN D 18 -18.10 -4.83 14.22
N THR D 19 -17.66 -5.19 13.03
CA THR D 19 -16.27 -5.09 12.69
C THR D 19 -15.64 -3.71 12.53
N ARG D 20 -16.43 -2.70 12.19
CA ARG D 20 -15.85 -1.37 12.04
C ARG D 20 -15.95 -0.60 13.35
N GLU D 21 -16.46 -1.25 14.41
CA GLU D 21 -16.66 -0.54 15.68
C GLU D 21 -16.29 -1.17 17.03
N TYR D 22 -15.90 -2.43 17.09
CA TYR D 22 -15.58 -3.03 18.41
C TYR D 22 -14.25 -2.60 19.05
N THR D 23 -14.21 -2.63 20.38
CA THR D 23 -13.01 -2.24 21.10
C THR D 23 -11.87 -3.20 20.79
N PHE D 24 -12.13 -4.50 20.88
CA PHE D 24 -11.12 -5.49 20.52
C PHE D 24 -11.79 -6.84 20.37
N SER D 25 -11.09 -7.78 19.74
CA SER D 25 -11.65 -9.10 19.52
C SER D 25 -10.68 -10.12 20.06
N TYR D 26 -11.23 -11.22 20.58
CA TYR D 26 -10.40 -12.26 21.15
C TYR D 26 -11.17 -13.57 21.22
N LYS D 27 -10.55 -14.61 20.68
CA LYS D 27 -11.14 -15.94 20.62
C LYS D 27 -12.44 -15.82 19.85
N GLY D 28 -13.47 -16.58 20.17
CA GLY D 28 -14.77 -16.04 19.60
C GLY D 28 -15.69 -14.88 19.90
N CYS D 29 -15.19 -13.92 20.68
CA CYS D 29 -16.03 -12.80 21.05
C CYS D 29 -15.60 -11.43 20.57
N CYS D 30 -16.59 -10.56 20.49
CA CYS D 30 -16.43 -9.20 20.05
C CYS D 30 -16.68 -8.38 21.35
N PHE D 31 -15.68 -7.65 21.81
CA PHE D 31 -15.80 -6.85 23.03
C PHE D 31 -16.03 -5.36 22.80
N TYR D 32 -16.88 -4.74 23.61
CA TYR D 32 -17.14 -3.31 23.46
C TYR D 32 -17.09 -2.59 24.77
N PHE D 33 -16.19 -1.64 24.93
CA PHE D 33 -16.11 -0.83 26.15
C PHE D 33 -17.09 0.29 25.88
N THR D 34 -18.16 0.38 26.67
CA THR D 34 -19.16 1.43 26.47
C THR D 34 -18.52 2.82 26.41
N LYS D 35 -19.08 3.68 25.55
CA LYS D 35 -18.56 5.04 25.42
C LYS D 35 -19.20 5.93 26.47
N LYS D 36 -20.48 5.74 26.74
CA LYS D 36 -21.14 6.51 27.78
C LYS D 36 -20.78 5.80 29.06
N LYS D 37 -20.73 6.52 30.17
CA LYS D 37 -20.44 5.85 31.44
C LYS D 37 -21.77 5.55 32.12
N HIS D 38 -21.79 4.52 32.94
CA HIS D 38 -23.03 4.13 33.60
C HIS D 38 -22.79 3.59 34.99
N THR D 39 -23.88 3.42 35.72
CA THR D 39 -23.83 2.86 37.05
C THR D 39 -23.74 1.36 36.78
N TRP D 40 -23.13 0.61 37.68
CA TRP D 40 -23.03 -0.83 37.48
C TRP D 40 -24.36 -1.46 37.01
N ASN D 41 -25.46 -1.17 37.70
CA ASN D 41 -26.76 -1.73 37.31
C ASN D 41 -27.23 -1.26 35.94
N GLY D 42 -26.86 -0.03 35.60
CA GLY D 42 -27.25 0.51 34.31
C GLY D 42 -26.56 -0.21 33.16
N CYS D 43 -25.56 -1.02 33.49
CA CYS D 43 -24.80 -1.76 32.48
C CYS D 43 -25.55 -2.88 31.79
N PHE D 44 -26.38 -3.61 32.52
CA PHE D 44 -27.11 -4.69 31.88
C PHE D 44 -27.89 -4.13 30.70
N GLN D 45 -28.60 -3.03 30.92
CA GLN D 45 -29.36 -2.47 29.81
C GLN D 45 -28.51 -1.72 28.81
N ALA D 46 -27.49 -1.00 29.28
CA ALA D 46 -26.64 -0.27 28.36
C ALA D 46 -26.08 -1.22 27.28
N CYS D 47 -25.58 -2.38 27.71
CA CYS D 47 -25.03 -3.38 26.78
C CYS D 47 -26.11 -4.01 25.87
N ALA D 48 -27.26 -4.38 26.44
CA ALA D 48 -28.32 -4.99 25.66
C ALA D 48 -28.85 -4.06 24.56
N GLU D 49 -28.56 -2.77 24.67
CA GLU D 49 -29.03 -1.80 23.67
C GLU D 49 -27.93 -1.31 22.75
N LEU D 50 -26.67 -1.59 23.11
CA LEU D 50 -25.53 -1.15 22.32
C LEU D 50 -25.54 -1.78 20.93
N TYR D 51 -25.70 -3.10 20.88
CA TYR D 51 -25.72 -3.81 19.61
C TYR D 51 -26.59 -5.04 19.75
N PRO D 52 -27.08 -5.55 18.62
CA PRO D 52 -27.90 -6.76 18.76
C PRO D 52 -27.01 -7.88 19.31
N CYS D 53 -27.60 -8.82 20.03
CA CYS D 53 -26.86 -9.95 20.59
C CYS D 53 -25.73 -9.56 21.54
N THR D 54 -25.87 -8.42 22.21
CA THR D 54 -24.83 -7.95 23.11
C THR D 54 -25.27 -7.98 24.58
N TYR D 55 -24.34 -8.22 25.50
CA TYR D 55 -24.72 -8.25 26.90
C TYR D 55 -23.58 -7.98 27.89
N PHE D 56 -23.97 -7.65 29.13
CA PHE D 56 -23.03 -7.35 30.21
C PHE D 56 -22.19 -8.61 30.46
N TYR D 57 -20.88 -8.51 30.24
CA TYR D 57 -19.97 -9.65 30.33
C TYR D 57 -19.06 -9.79 31.56
N GLY D 58 -18.97 -11.00 32.08
CA GLY D 58 -18.09 -11.23 33.22
C GLY D 58 -16.81 -11.90 32.75
N PRO D 59 -15.65 -11.23 32.88
CA PRO D 59 -14.33 -11.72 32.46
C PRO D 59 -13.82 -12.99 33.17
N THR D 60 -13.62 -14.04 32.38
CA THR D 60 -13.12 -15.31 32.88
C THR D 60 -11.62 -15.15 33.08
N PRO D 61 -11.03 -15.91 34.02
CA PRO D 61 -9.58 -15.74 34.18
C PRO D 61 -8.84 -16.01 32.88
N ASP D 62 -9.55 -16.59 31.93
CA ASP D 62 -8.96 -16.89 30.64
C ASP D 62 -9.06 -15.66 29.75
N ILE D 63 -9.96 -14.76 30.10
CA ILE D 63 -10.15 -13.58 29.29
C ILE D 63 -9.79 -12.22 29.87
N LEU D 64 -9.85 -12.01 31.17
CA LEU D 64 -9.54 -10.65 31.64
C LEU D 64 -8.11 -10.18 31.41
N PRO D 65 -7.14 -11.09 31.22
CA PRO D 65 -5.82 -10.49 31.00
C PRO D 65 -5.83 -9.69 29.67
N VAL D 66 -6.56 -10.17 28.66
CA VAL D 66 -6.63 -9.45 27.40
C VAL D 66 -7.45 -8.17 27.63
N VAL D 67 -8.54 -8.27 28.37
CA VAL D 67 -9.36 -7.10 28.67
C VAL D 67 -8.54 -6.09 29.46
N THR D 68 -7.77 -6.62 30.39
CA THR D 68 -6.93 -5.80 31.28
C THR D 68 -5.76 -5.10 30.58
N ARG D 69 -5.20 -5.73 29.55
CA ARG D 69 -4.11 -5.10 28.83
C ARG D 69 -4.63 -4.08 27.84
N ASN D 70 -5.94 -4.09 27.61
CA ASN D 70 -6.55 -3.11 26.70
C ASN D 70 -7.14 -1.95 27.46
N LEU D 71 -6.68 -1.81 28.70
CA LEU D 71 -7.16 -0.75 29.57
C LEU D 71 -6.13 0.38 29.73
N ASN D 72 -6.59 1.62 29.75
CA ASN D 72 -5.72 2.75 29.96
C ASN D 72 -5.22 2.57 31.40
N ALA D 73 -4.22 3.35 31.82
CA ALA D 73 -3.75 3.19 33.20
C ALA D 73 -4.71 3.82 34.22
N ILE D 74 -5.57 4.74 33.77
CA ILE D 74 -6.53 5.39 34.67
C ILE D 74 -7.97 4.94 34.37
N GLU D 75 -8.14 4.00 33.43
CA GLU D 75 -9.48 3.56 33.06
C GLU D 75 -9.91 2.24 33.70
N SER D 76 -11.16 2.22 34.18
CA SER D 76 -11.71 1.01 34.81
C SER D 76 -13.04 0.66 34.15
N LEU D 77 -13.44 -0.62 34.24
CA LEU D 77 -14.67 -1.10 33.64
C LEU D 77 -15.57 -1.79 34.63
N TRP D 78 -16.88 -1.56 34.52
CA TRP D 78 -17.83 -2.28 35.36
C TRP D 78 -17.91 -3.63 34.64
N VAL D 79 -17.87 -4.74 35.38
CA VAL D 79 -17.97 -6.04 34.71
C VAL D 79 -19.16 -6.87 35.21
N GLY D 80 -19.72 -7.68 34.31
CA GLY D 80 -20.86 -8.50 34.64
C GLY D 80 -20.64 -9.72 35.54
N VAL D 81 -20.02 -9.51 36.71
CA VAL D 81 -19.80 -10.58 37.69
C VAL D 81 -20.62 -10.14 38.90
N TYR D 82 -21.54 -10.99 39.35
CA TYR D 82 -22.40 -10.60 40.47
C TYR D 82 -22.60 -11.61 41.59
N ARG D 83 -22.99 -11.09 42.76
CA ARG D 83 -23.23 -11.91 43.94
C ARG D 83 -24.67 -12.36 44.01
N VAL D 84 -24.87 -13.68 43.93
CA VAL D 84 -26.20 -14.30 44.03
C VAL D 84 -26.14 -15.83 44.06
N GLY D 85 -25.72 -16.45 42.96
CA GLY D 85 -25.78 -17.93 42.87
C GLY D 85 -24.67 -18.63 42.10
N GLU D 86 -24.62 -19.96 42.26
CA GLU D 86 -23.61 -20.81 41.61
C GLU D 86 -22.21 -20.50 42.12
N GLY D 87 -21.94 -20.81 43.38
CA GLY D 87 -20.63 -20.51 43.93
C GLY D 87 -20.70 -19.13 44.58
N ASN D 88 -21.83 -18.45 44.34
CA ASN D 88 -22.08 -17.15 44.92
C ASN D 88 -21.49 -15.92 44.18
N TRP D 89 -20.64 -16.17 43.19
CA TRP D 89 -20.04 -15.12 42.36
C TRP D 89 -20.13 -15.64 40.93
N THR D 90 -21.15 -15.21 40.18
CA THR D 90 -21.35 -15.71 38.82
C THR D 90 -21.56 -14.66 37.72
N SER D 91 -22.08 -15.07 36.56
CA SER D 91 -22.27 -14.11 35.47
C SER D 91 -23.44 -14.54 34.59
N LEU D 92 -23.88 -13.64 33.69
CA LEU D 92 -25.00 -13.96 32.78
C LEU D 92 -24.52 -15.17 32.00
N ASP D 93 -23.23 -15.44 32.17
CA ASP D 93 -22.60 -16.54 31.48
C ASP D 93 -22.37 -17.76 32.32
N GLY D 94 -22.79 -17.74 33.59
CA GLY D 94 -22.59 -18.87 34.48
C GLY D 94 -21.15 -18.99 34.94
N GLY D 95 -20.90 -19.96 35.81
CA GLY D 95 -19.55 -20.18 36.32
C GLY D 95 -19.36 -19.60 37.69
N THR D 96 -18.15 -19.74 38.22
CA THR D 96 -17.81 -19.21 39.54
C THR D 96 -16.56 -18.36 39.36
N PHE D 97 -16.58 -17.13 39.88
CA PHE D 97 -15.42 -16.25 39.76
C PHE D 97 -14.72 -15.98 41.09
N LYS D 98 -13.39 -15.96 41.05
CA LYS D 98 -12.62 -15.63 42.25
C LYS D 98 -12.64 -14.10 42.27
N VAL D 99 -13.15 -13.49 43.34
CA VAL D 99 -13.21 -12.03 43.41
C VAL D 99 -12.47 -11.45 44.60
N TYR D 100 -11.81 -10.29 44.39
CA TYR D 100 -11.13 -9.59 45.48
C TYR D 100 -12.30 -8.85 46.09
N GLN D 101 -12.69 -9.29 47.28
CA GLN D 101 -13.86 -8.74 47.95
C GLN D 101 -13.62 -8.22 49.37
N ILE D 102 -13.15 -6.98 49.49
CA ILE D 102 -12.92 -6.35 50.80
C ILE D 102 -14.06 -5.40 51.00
N PHE D 103 -14.96 -5.42 50.04
CA PHE D 103 -16.13 -4.53 50.07
C PHE D 103 -17.54 -5.09 50.03
N GLY D 104 -18.45 -4.29 49.42
CA GLY D 104 -19.85 -4.66 49.27
C GLY D 104 -20.17 -5.61 48.12
N SER D 105 -20.78 -6.71 48.51
CA SER D 105 -21.14 -7.80 47.60
C SER D 105 -21.74 -7.57 46.20
N HIS D 106 -22.33 -6.41 45.87
CA HIS D 106 -23.01 -6.35 44.58
C HIS D 106 -22.48 -5.87 43.24
N CYS D 107 -21.33 -5.22 43.21
CA CYS D 107 -20.82 -4.80 41.92
C CYS D 107 -19.34 -5.14 41.83
N THR D 108 -18.79 -5.12 40.61
CA THR D 108 -17.41 -5.48 40.40
C THR D 108 -16.84 -4.73 39.21
N TYR D 109 -15.55 -4.45 39.25
CA TYR D 109 -14.90 -3.76 38.17
C TYR D 109 -13.53 -4.34 37.95
N VAL D 110 -12.93 -3.97 36.84
CA VAL D 110 -11.58 -4.40 36.53
C VAL D 110 -10.76 -3.14 36.28
N SER D 111 -9.47 -3.21 36.60
CA SER D 111 -8.59 -2.08 36.37
C SER D 111 -7.42 -2.66 35.61
N LYS D 112 -6.51 -1.80 35.16
CA LYS D 112 -5.35 -2.27 34.45
C LYS D 112 -4.45 -3.13 35.32
N PHE D 113 -4.56 -2.96 36.62
CA PHE D 113 -3.71 -3.71 37.54
C PHE D 113 -4.35 -4.83 38.35
N SER D 114 -5.65 -5.09 38.10
CA SER D 114 -6.37 -6.15 38.80
C SER D 114 -6.24 -7.45 38.02
N THR D 115 -6.13 -8.59 38.70
CA THR D 115 -6.02 -9.84 37.98
C THR D 115 -7.32 -10.64 38.11
N VAL D 116 -8.24 -10.16 38.93
CA VAL D 116 -9.53 -10.80 39.13
C VAL D 116 -10.52 -9.67 39.28
N PRO D 117 -11.81 -9.92 39.09
CA PRO D 117 -12.70 -8.75 39.26
C PRO D 117 -12.66 -8.29 40.73
N VAL D 118 -13.05 -7.04 40.98
CA VAL D 118 -13.02 -6.48 42.32
C VAL D 118 -14.37 -5.88 42.78
N SER D 119 -14.79 -6.17 44.02
CA SER D 119 -16.04 -5.58 44.52
C SER D 119 -15.72 -4.09 44.81
N HIS D 120 -16.73 -3.23 44.67
CA HIS D 120 -16.53 -1.79 44.79
C HIS D 120 -17.15 -0.99 45.93
N HIS D 121 -16.55 0.18 46.22
CA HIS D 121 -17.03 1.10 47.26
C HIS D 121 -18.55 1.24 47.14
N GLU D 122 -18.99 1.66 45.96
CA GLU D 122 -20.40 1.83 45.72
C GLU D 122 -20.69 1.83 44.23
N CYS D 123 -21.81 1.20 43.88
CA CYS D 123 -22.18 1.04 42.49
C CYS D 123 -22.76 2.24 41.75
N SER D 124 -22.79 3.41 42.39
CA SER D 124 -23.29 4.58 41.71
C SER D 124 -22.21 5.27 40.88
N PHE D 125 -20.95 4.92 41.11
CA PHE D 125 -19.84 5.51 40.35
C PHE D 125 -20.09 5.25 38.88
N LEU D 126 -19.80 6.23 38.03
CA LEU D 126 -19.98 6.03 36.59
C LEU D 126 -18.74 5.41 35.97
N LYS D 127 -18.96 4.44 35.09
CA LYS D 127 -17.84 3.79 34.42
C LYS D 127 -18.31 3.21 33.11
N PRO D 128 -17.40 3.01 32.18
CA PRO D 128 -17.88 2.44 30.92
C PRO D 128 -18.22 0.95 31.23
N CYS D 129 -19.19 0.39 30.51
CA CYS D 129 -19.58 -1.00 30.72
C CYS D 129 -18.78 -1.91 29.78
N LEU D 130 -18.52 -3.13 30.24
CA LEU D 130 -17.78 -4.09 29.44
C LEU D 130 -18.83 -4.99 28.79
N CYS D 131 -19.02 -4.84 27.49
CA CYS D 131 -20.03 -5.62 26.77
C CYS D 131 -19.41 -6.64 25.81
N VAL D 132 -20.21 -7.65 25.45
CA VAL D 132 -19.76 -8.67 24.55
C VAL D 132 -20.84 -9.19 23.61
N SER D 133 -20.40 -9.74 22.49
CA SER D 133 -21.26 -10.36 21.50
C SER D 133 -20.45 -11.50 20.90
N GLN D 134 -21.09 -12.64 20.66
CA GLN D 134 -20.41 -13.77 20.05
C GLN D 134 -20.46 -13.65 18.54
N ARG D 135 -19.30 -13.84 17.92
CA ARG D 135 -19.12 -13.74 16.47
C ARG D 135 -19.42 -15.08 15.80
N SER D 136 -19.79 -15.00 14.52
CA SER D 136 -20.09 -16.16 13.65
C SER D 136 -20.83 -17.34 14.33
#